data_6QQR
#
_entry.id   6QQR
#
_cell.length_a   73.780
_cell.length_b   78.711
_cell.length_c   86.357
_cell.angle_alpha   90.000
_cell.angle_beta   90.000
_cell.angle_gamma   90.000
#
_symmetry.space_group_name_H-M   'P 21 21 21'
#
loop_
_entity.id
_entity.type
_entity.pdbx_description
1 polymer 'tRNA (guanine-N(1)-)-methyltransferase'
2 non-polymer '1~{H}-indol-5-ylboronic acid'
3 water water
#
_entity_poly.entity_id   1
_entity_poly.type   'polypeptide(L)'
_entity_poly.pdbx_seq_one_letter_code
;GSMKIDVVTIFPEYLQPVRQSLPGKAIDAGLVDVAVHDLRRWTHDVHKSVDDSPYGGGPGMVMKPTVWGDALDEICTSET
LLVVPTPAGYPFTQETAWQWSTEDHLVIACGRYEGIDQRVADDAATRMRVREVSIGDYVLNGGEAAALVIIEAVLRLVPG
VLGNALSAQEDSHSEGMASLLEGPSYTRPPSWRGMDVPPVLLSGDHAKIAAWRAEQSRQRTIERRPDLLGFDSPTGEHGG
DGLS
;
_entity_poly.pdbx_strand_id   A,B
#
# COMPACT_ATOMS: atom_id res chain seq x y z
N SER A 2 -14.20 -19.19 -7.37
CA SER A 2 -14.64 -17.99 -6.65
C SER A 2 -13.76 -17.72 -5.44
N MET A 3 -13.63 -16.44 -5.07
CA MET A 3 -12.93 -16.11 -3.84
C MET A 3 -13.81 -15.29 -2.91
N LYS A 4 -13.81 -15.66 -1.63
CA LYS A 4 -14.42 -14.84 -0.58
C LYS A 4 -13.32 -14.14 0.20
N ILE A 5 -13.48 -12.83 0.41
CA ILE A 5 -12.57 -12.08 1.28
C ILE A 5 -13.37 -11.45 2.41
N ASP A 6 -12.97 -11.75 3.65
CA ASP A 6 -13.53 -11.08 4.81
C ASP A 6 -12.47 -10.18 5.42
N VAL A 7 -12.80 -8.92 5.65
CA VAL A 7 -11.86 -8.00 6.29
C VAL A 7 -12.42 -7.61 7.66
N VAL A 8 -11.59 -7.68 8.69
CA VAL A 8 -12.00 -7.29 10.04
C VAL A 8 -11.18 -6.08 10.48
N THR A 9 -11.87 -5.04 10.94
CA THR A 9 -11.21 -3.77 11.20
C THR A 9 -12.06 -2.91 12.12
N ILE A 10 -11.44 -2.03 12.88
CA ILE A 10 -12.24 -1.04 13.62
C ILE A 10 -12.62 0.16 12.75
N PHE A 11 -12.12 0.20 11.52
CA PHE A 11 -12.49 1.25 10.56
C PHE A 11 -13.13 0.66 9.30
N PRO A 12 -14.33 0.08 9.43
CA PRO A 12 -14.91 -0.59 8.26
C PRO A 12 -15.16 0.32 7.05
N GLU A 13 -15.37 1.61 7.28
CA GLU A 13 -15.61 2.51 6.15
C GLU A 13 -14.36 2.65 5.26
N TYR A 14 -13.19 2.32 5.81
CA TYR A 14 -11.93 2.41 5.05
C TYR A 14 -11.95 1.47 3.85
N LEU A 15 -12.69 0.37 3.98
CA LEU A 15 -12.72 -0.66 2.97
C LEU A 15 -13.87 -0.49 1.99
N GLN A 16 -14.79 0.43 2.28
CA GLN A 16 -15.98 0.60 1.45
C GLN A 16 -15.64 0.97 0.00
N PRO A 17 -14.67 1.89 -0.22
CA PRO A 17 -14.26 2.07 -1.61
C PRO A 17 -13.28 1.01 -2.10
N VAL A 18 -13.70 -0.25 -2.01
CA VAL A 18 -13.06 -1.33 -2.76
C VAL A 18 -14.17 -2.35 -3.03
N ARG A 19 -15.16 -2.38 -2.14
CA ARG A 19 -16.37 -3.15 -2.40
C ARG A 19 -17.07 -2.49 -3.58
N GLN A 20 -17.25 -1.17 -3.49
CA GLN A 20 -17.71 -0.37 -4.61
C GLN A 20 -16.54 -0.10 -5.54
N SER A 21 -16.10 -1.16 -6.20
CA SER A 21 -14.93 -1.17 -7.07
C SER A 21 -14.92 -2.49 -7.83
N LEU A 22 -15.66 -3.44 -7.26
CA LEU A 22 -15.89 -4.73 -7.89
C LEU A 22 -16.91 -4.56 -9.01
N PRO A 23 -16.59 -5.05 -10.21
CA PRO A 23 -17.55 -5.04 -11.30
C PRO A 23 -18.79 -5.87 -10.94
N GLY A 24 -19.96 -5.37 -11.31
CA GLY A 24 -21.20 -6.08 -11.04
C GLY A 24 -21.23 -7.45 -11.67
N LYS A 25 -20.59 -7.56 -12.84
CA LYS A 25 -20.55 -8.83 -13.57
C LYS A 25 -19.80 -9.91 -12.78
N ALA A 26 -18.75 -9.51 -12.07
CA ALA A 26 -17.96 -10.44 -11.27
C ALA A 26 -18.78 -10.94 -10.07
N ILE A 27 -19.53 -10.05 -9.46
CA ILE A 27 -20.35 -10.41 -8.30
C ILE A 27 -21.52 -11.28 -8.75
N ASP A 28 -22.19 -10.87 -9.83
CA ASP A 28 -23.31 -11.63 -10.39
C ASP A 28 -22.88 -13.03 -10.78
N ALA A 29 -21.67 -13.15 -11.34
CA ALA A 29 -21.12 -14.44 -11.72
C ALA A 29 -20.60 -15.20 -10.49
N GLY A 30 -20.66 -14.55 -9.34
CA GLY A 30 -20.24 -15.14 -8.08
C GLY A 30 -18.76 -15.45 -8.03
N LEU A 31 -17.98 -14.69 -8.77
CA LEU A 31 -16.55 -14.91 -8.82
C LEU A 31 -15.87 -14.35 -7.57
N VAL A 32 -16.52 -13.38 -6.94
CA VAL A 32 -15.91 -12.69 -5.80
C VAL A 32 -16.96 -12.12 -4.84
N ASP A 33 -16.65 -12.15 -3.56
CA ASP A 33 -17.41 -11.43 -2.56
C ASP A 33 -16.44 -10.89 -1.53
N VAL A 34 -16.56 -9.60 -1.24
CA VAL A 34 -15.72 -8.95 -0.23
C VAL A 34 -16.64 -8.43 0.86
N ALA A 35 -16.43 -8.89 2.09
CA ALA A 35 -17.27 -8.48 3.21
C ALA A 35 -16.41 -7.83 4.27
N VAL A 36 -16.90 -6.73 4.84
CA VAL A 36 -16.15 -6.00 5.86
C VAL A 36 -16.88 -6.06 7.19
N HIS A 37 -16.13 -6.31 8.25
CA HIS A 37 -16.72 -6.49 9.58
C HIS A 37 -16.08 -5.56 10.57
N ASP A 38 -16.91 -4.89 11.35
CA ASP A 38 -16.44 -4.04 12.45
C ASP A 38 -15.99 -4.91 13.62
N LEU A 39 -14.70 -4.84 13.96
CA LEU A 39 -14.15 -5.62 15.06
C LEU A 39 -14.93 -5.39 16.36
N ARG A 40 -15.52 -4.23 16.55
CA ARG A 40 -16.22 -3.97 17.83
C ARG A 40 -17.45 -4.84 18.03
N ARG A 41 -17.91 -5.53 16.98
CA ARG A 41 -19.00 -6.50 17.11
C ARG A 41 -18.66 -7.61 18.11
N TRP A 42 -17.37 -7.88 18.27
CA TRP A 42 -16.91 -8.95 19.14
C TRP A 42 -16.31 -8.46 20.45
N THR A 43 -16.51 -7.17 20.78
CA THR A 43 -16.09 -6.70 22.09
C THR A 43 -17.02 -7.21 23.20
N HIS A 44 -16.51 -7.22 24.42
CA HIS A 44 -17.22 -7.82 25.56
C HIS A 44 -17.85 -6.83 26.50
N ASP A 45 -17.39 -5.59 26.43
CA ASP A 45 -17.73 -4.60 27.45
C ASP A 45 -18.49 -3.44 26.88
N VAL A 46 -19.12 -2.68 27.77
CA VAL A 46 -19.95 -1.57 27.33
C VAL A 46 -19.09 -0.49 26.65
N HIS A 47 -17.79 -0.46 26.96
CA HIS A 47 -16.90 0.53 26.37
C HIS A 47 -16.32 0.10 25.01
N LYS A 48 -16.72 -1.10 24.58
CA LYS A 48 -16.27 -1.68 23.32
C LYS A 48 -14.75 -1.63 23.15
N SER A 49 -14.05 -2.15 24.14
CA SER A 49 -12.59 -2.08 24.19
C SER A 49 -11.94 -3.06 23.23
N VAL A 50 -11.01 -2.57 22.41
CA VAL A 50 -10.31 -3.47 21.49
C VAL A 50 -8.82 -3.55 21.79
N ASP A 51 -8.31 -2.69 22.68
CA ASP A 51 -6.90 -2.79 23.02
C ASP A 51 -6.65 -2.53 24.50
N ASP A 52 -5.39 -2.74 24.90
CA ASP A 52 -5.03 -2.73 26.30
C ASP A 52 -3.52 -2.54 26.39
N SER A 53 -3.01 -2.19 27.57
CA SER A 53 -1.60 -1.84 27.70
C SER A 53 -0.70 -3.06 27.49
N PRO A 54 0.49 -2.85 26.91
CA PRO A 54 1.39 -3.96 26.64
C PRO A 54 2.05 -4.53 27.88
N TYR A 55 2.04 -5.86 28.01
CA TYR A 55 2.84 -6.51 29.05
C TYR A 55 4.32 -6.21 28.82
N GLY A 56 5.02 -5.88 29.90
CA GLY A 56 6.44 -5.58 29.80
C GLY A 56 6.67 -4.10 29.59
N GLY A 57 5.57 -3.36 29.45
CA GLY A 57 5.64 -1.92 29.35
C GLY A 57 5.94 -1.44 27.94
N GLY A 58 6.04 -0.12 27.81
CA GLY A 58 6.34 0.48 26.53
C GLY A 58 5.19 1.32 26.02
N PRO A 59 5.38 1.92 24.84
CA PRO A 59 4.41 2.86 24.28
C PRO A 59 3.30 2.15 23.51
N GLY A 60 2.19 2.85 23.34
CA GLY A 60 1.08 2.35 22.56
C GLY A 60 0.23 1.34 23.29
N MET A 61 -0.58 0.64 22.53
CA MET A 61 -1.49 -0.37 23.05
C MET A 61 -1.42 -1.60 22.19
N VAL A 62 -1.84 -2.73 22.74
CA VAL A 62 -1.86 -3.99 22.02
C VAL A 62 -3.31 -4.46 21.89
N MET A 63 -3.67 -4.98 20.72
CA MET A 63 -5.07 -5.39 20.55
C MET A 63 -5.35 -6.68 21.30
N LYS A 64 -6.55 -6.72 21.88
CA LYS A 64 -6.94 -7.76 22.84
C LYS A 64 -7.12 -9.12 22.19
N PRO A 65 -6.50 -10.17 22.77
CA PRO A 65 -6.70 -11.50 22.20
C PRO A 65 -8.11 -12.03 22.33
N THR A 66 -8.82 -11.71 23.40
CA THR A 66 -10.16 -12.28 23.58
C THR A 66 -11.12 -11.76 22.49
N VAL A 67 -10.97 -10.51 22.10
CA VAL A 67 -11.84 -9.93 21.08
C VAL A 67 -11.52 -10.52 19.70
N TRP A 68 -10.24 -10.49 19.33
CA TRP A 68 -9.84 -11.05 18.05
C TRP A 68 -10.12 -12.53 17.96
N GLY A 69 -9.92 -13.23 19.08
CA GLY A 69 -10.16 -14.66 19.10
C GLY A 69 -11.60 -14.98 18.76
N ASP A 70 -12.53 -14.21 19.33
CA ASP A 70 -13.94 -14.42 19.05
C ASP A 70 -14.27 -14.09 17.59
N ALA A 71 -13.69 -13.01 17.07
CA ALA A 71 -13.98 -12.59 15.71
C ALA A 71 -13.51 -13.65 14.72
N LEU A 72 -12.29 -14.12 14.89
CA LEU A 72 -11.75 -15.09 13.97
C LEU A 72 -12.43 -16.46 14.09
N ASP A 73 -12.84 -16.82 15.31
CA ASP A 73 -13.59 -18.06 15.50
C ASP A 73 -14.88 -18.05 14.68
N GLU A 74 -15.52 -16.89 14.61
CA GLU A 74 -16.77 -16.81 13.87
C GLU A 74 -16.55 -16.81 12.37
N ILE A 75 -15.53 -16.08 11.92
CA ILE A 75 -15.34 -15.78 10.51
C ILE A 75 -14.51 -16.84 9.78
N CYS A 76 -13.55 -17.43 10.47
CA CYS A 76 -12.62 -18.35 9.81
C CYS A 76 -13.14 -19.77 9.78
N THR A 77 -12.65 -20.53 8.80
CA THR A 77 -12.85 -21.97 8.77
C THR A 77 -11.51 -22.65 8.52
N SER A 78 -11.53 -23.98 8.46
CA SER A 78 -10.31 -24.72 8.19
C SER A 78 -9.67 -24.35 6.84
N GLU A 79 -10.47 -23.84 5.91
CA GLU A 79 -9.95 -23.53 4.58
C GLU A 79 -9.35 -22.12 4.48
N THR A 80 -9.52 -21.33 5.53
CA THR A 80 -9.13 -19.93 5.52
C THR A 80 -7.63 -19.73 5.47
N LEU A 81 -7.22 -18.78 4.63
CA LEU A 81 -5.89 -18.18 4.70
C LEU A 81 -6.03 -16.85 5.46
N LEU A 82 -5.48 -16.82 6.67
CA LEU A 82 -5.58 -15.63 7.53
C LEU A 82 -4.39 -14.72 7.25
N VAL A 83 -4.68 -13.53 6.75
CA VAL A 83 -3.67 -12.56 6.37
C VAL A 83 -3.61 -11.46 7.42
N VAL A 84 -2.43 -11.20 7.98
CA VAL A 84 -2.30 -10.17 9.02
C VAL A 84 -1.28 -9.14 8.56
N PRO A 85 -1.73 -7.99 8.06
CA PRO A 85 -0.76 -6.97 7.66
C PRO A 85 -0.01 -6.37 8.85
N THR A 86 1.31 -6.34 8.79
CA THR A 86 2.12 -5.81 9.86
C THR A 86 3.48 -5.46 9.31
N PRO A 87 4.06 -4.34 9.77
CA PRO A 87 5.40 -3.96 9.30
C PRO A 87 6.45 -4.98 9.70
N ALA A 88 6.13 -5.87 10.64
CA ALA A 88 7.05 -6.90 11.08
C ALA A 88 6.85 -8.22 10.32
N GLY A 89 6.08 -8.20 9.24
CA GLY A 89 5.75 -9.41 8.51
C GLY A 89 6.77 -9.86 7.48
N TYR A 90 6.54 -11.04 6.93
CA TYR A 90 7.25 -11.45 5.72
C TYR A 90 6.84 -10.53 4.57
N PRO A 91 7.73 -10.33 3.59
CA PRO A 91 7.37 -9.43 2.49
C PRO A 91 6.22 -9.95 1.63
N PHE A 92 5.23 -9.10 1.40
CA PHE A 92 4.21 -9.36 0.41
C PHE A 92 4.73 -8.92 -0.96
N THR A 93 4.84 -9.87 -1.89
CA THR A 93 5.34 -9.55 -3.23
C THR A 93 4.37 -10.03 -4.30
N GLN A 94 4.70 -9.75 -5.56
CA GLN A 94 3.86 -10.22 -6.64
C GLN A 94 3.73 -11.74 -6.64
N GLU A 95 4.78 -12.43 -6.22
CA GLU A 95 4.70 -13.89 -6.09
C GLU A 95 3.63 -14.29 -5.09
N THR A 96 3.58 -13.58 -3.97
CA THR A 96 2.57 -13.81 -2.95
C THR A 96 1.18 -13.59 -3.52
N ALA A 97 1.02 -12.50 -4.27
CA ALA A 97 -0.27 -12.17 -4.85
C ALA A 97 -0.77 -13.28 -5.77
N TRP A 98 0.12 -13.80 -6.61
CA TRP A 98 -0.22 -14.91 -7.50
C TRP A 98 -0.64 -16.14 -6.72
N GLN A 99 0.11 -16.45 -5.66
CA GLN A 99 -0.21 -17.61 -4.83
C GLN A 99 -1.60 -17.47 -4.21
N TRP A 100 -1.89 -16.30 -3.66
CA TRP A 100 -3.16 -16.11 -2.95
C TRP A 100 -4.36 -15.96 -3.90
N SER A 101 -4.09 -15.68 -5.17
CA SER A 101 -5.16 -15.44 -6.14
C SER A 101 -6.02 -16.68 -6.38
N THR A 102 -5.53 -17.86 -5.98
CA THR A 102 -6.30 -19.08 -6.20
C THR A 102 -6.94 -19.60 -4.91
N GLU A 103 -6.79 -18.85 -3.82
CA GLU A 103 -7.41 -19.23 -2.54
C GLU A 103 -8.93 -19.07 -2.57
N ASP A 104 -9.62 -19.91 -1.81
CA ASP A 104 -11.07 -19.80 -1.74
C ASP A 104 -11.55 -18.77 -0.73
N HIS A 105 -10.76 -18.56 0.34
CA HIS A 105 -11.19 -17.73 1.46
C HIS A 105 -10.01 -17.03 2.12
N LEU A 106 -9.94 -15.72 1.95
CA LEU A 106 -8.98 -14.88 2.64
C LEU A 106 -9.69 -14.14 3.75
N VAL A 107 -9.10 -14.15 4.94
CA VAL A 107 -9.55 -13.26 6.01
C VAL A 107 -8.41 -12.33 6.34
N ILE A 108 -8.66 -11.03 6.28
CA ILE A 108 -7.60 -10.06 6.52
C ILE A 108 -7.88 -9.39 7.85
N ALA A 109 -6.97 -9.58 8.80
CA ALA A 109 -7.13 -9.03 10.14
C ALA A 109 -6.37 -7.73 10.24
N CYS A 110 -7.08 -6.60 10.26
CA CYS A 110 -6.43 -5.30 10.30
C CYS A 110 -6.28 -4.81 11.73
N GLY A 111 -5.04 -4.60 12.15
CA GLY A 111 -4.79 -4.06 13.48
C GLY A 111 -3.88 -2.85 13.49
N ARG A 112 -3.74 -2.25 14.67
CA ARG A 112 -2.75 -1.19 14.84
C ARG A 112 -1.32 -1.76 14.78
N TYR A 113 -0.35 -0.92 14.40
CA TYR A 113 0.98 -1.43 14.11
C TYR A 113 1.71 -1.95 15.34
N GLU A 114 1.34 -1.46 16.52
CA GLU A 114 1.91 -1.98 17.77
C GLU A 114 1.56 -3.45 17.92
N GLY A 115 0.46 -3.86 17.29
CA GLY A 115 0.20 -5.26 17.12
C GLY A 115 -1.06 -5.80 17.76
N ILE A 116 -1.43 -6.97 17.26
CA ILE A 116 -2.42 -7.83 17.88
C ILE A 116 -1.64 -8.76 18.78
N ASP A 117 -2.14 -9.01 19.99
CA ASP A 117 -1.52 -9.98 20.88
C ASP A 117 -1.10 -11.23 20.08
N GLN A 118 0.16 -11.62 20.19
CA GLN A 118 0.71 -12.66 19.32
C GLN A 118 0.02 -14.01 19.49
N ARG A 119 -0.66 -14.24 20.62
CA ARG A 119 -1.35 -15.52 20.82
C ARG A 119 -2.50 -15.71 19.84
N VAL A 120 -3.03 -14.62 19.30
CA VAL A 120 -4.11 -14.72 18.33
C VAL A 120 -3.64 -15.45 17.08
N ALA A 121 -2.57 -14.95 16.47
CA ALA A 121 -2.01 -15.60 15.29
C ALA A 121 -1.51 -16.99 15.62
N ASP A 122 -0.88 -17.14 16.78
CA ASP A 122 -0.30 -18.42 17.13
C ASP A 122 -1.40 -19.48 17.35
N ASP A 123 -2.49 -19.09 18.00
CA ASP A 123 -3.64 -19.98 18.15
C ASP A 123 -4.27 -20.31 16.79
N ALA A 124 -4.48 -19.28 15.97
CA ALA A 124 -5.09 -19.50 14.67
C ALA A 124 -4.27 -20.47 13.83
N ALA A 125 -2.95 -20.37 13.93
CA ALA A 125 -2.06 -21.20 13.13
C ALA A 125 -2.17 -22.69 13.45
N THR A 126 -2.79 -23.04 14.58
CA THR A 126 -2.95 -24.45 14.92
C THR A 126 -4.14 -25.07 14.19
N ARG A 127 -4.95 -24.27 13.50
CA ARG A 127 -6.06 -24.88 12.76
C ARG A 127 -6.31 -24.26 11.38
N MET A 128 -5.51 -23.26 11.00
CA MET A 128 -5.59 -22.71 9.65
C MET A 128 -4.23 -22.16 9.23
N ARG A 129 -4.11 -21.78 7.96
CA ARG A 129 -2.88 -21.15 7.49
C ARG A 129 -2.88 -19.66 7.82
N VAL A 130 -1.78 -19.17 8.37
CA VAL A 130 -1.65 -17.78 8.79
C VAL A 130 -0.44 -17.14 8.12
N ARG A 131 -0.62 -15.92 7.63
CA ARG A 131 0.42 -15.21 6.91
C ARG A 131 0.54 -13.78 7.42
N GLU A 132 1.58 -13.49 8.20
CA GLU A 132 1.82 -12.12 8.64
C GLU A 132 2.72 -11.47 7.61
N VAL A 133 2.26 -10.38 7.01
CA VAL A 133 2.96 -9.81 5.87
C VAL A 133 3.07 -8.31 5.90
N SER A 134 4.21 -7.83 5.40
CA SER A 134 4.45 -6.40 5.24
C SER A 134 4.39 -6.01 3.78
N ILE A 135 3.73 -4.90 3.46
CA ILE A 135 3.68 -4.47 2.07
C ILE A 135 4.84 -3.56 1.66
N GLY A 136 5.72 -3.22 2.61
CA GLY A 136 6.86 -2.39 2.30
C GLY A 136 7.65 -2.05 3.54
N ASP A 137 8.78 -1.35 3.38
CA ASP A 137 9.62 -1.04 4.51
C ASP A 137 9.28 0.33 5.07
N TYR A 138 8.08 0.43 5.62
CA TYR A 138 7.61 1.66 6.23
C TYR A 138 6.53 1.24 7.20
N VAL A 139 6.27 2.12 8.16
CA VAL A 139 5.26 1.86 9.17
C VAL A 139 4.01 2.67 8.85
N LEU A 140 2.85 2.01 8.91
CA LEU A 140 1.57 2.69 8.85
C LEU A 140 0.94 2.53 10.22
N ASN A 141 0.03 3.43 10.61
CA ASN A 141 -0.56 3.32 11.94
C ASN A 141 -1.39 2.06 12.10
N GLY A 142 -1.99 1.59 11.02
CA GLY A 142 -2.80 0.40 11.06
C GLY A 142 -2.80 -0.35 9.75
N GLY A 143 -3.42 -1.52 9.75
CA GLY A 143 -3.33 -2.39 8.59
C GLY A 143 -4.30 -2.14 7.45
N GLU A 144 -5.17 -1.15 7.58
CA GLU A 144 -6.22 -0.94 6.59
C GLU A 144 -5.73 -0.60 5.18
N ALA A 145 -4.80 0.35 5.07
CA ALA A 145 -4.30 0.72 3.74
C ALA A 145 -3.55 -0.46 3.12
N ALA A 146 -2.84 -1.22 3.95
CA ALA A 146 -2.19 -2.45 3.45
C ALA A 146 -3.19 -3.49 2.96
N ALA A 147 -4.31 -3.61 3.66
CA ALA A 147 -5.39 -4.50 3.23
C ALA A 147 -5.90 -4.10 1.85
N LEU A 148 -6.06 -2.80 1.60
CA LEU A 148 -6.50 -2.35 0.27
C LEU A 148 -5.50 -2.74 -0.81
N VAL A 149 -4.21 -2.60 -0.50
CA VAL A 149 -3.16 -2.93 -1.45
C VAL A 149 -3.18 -4.42 -1.75
N ILE A 150 -3.24 -5.24 -0.71
CA ILE A 150 -3.29 -6.69 -0.87
C ILE A 150 -4.52 -7.13 -1.66
N ILE A 151 -5.69 -6.60 -1.32
CA ILE A 151 -6.90 -6.98 -2.03
C ILE A 151 -6.79 -6.67 -3.52
N GLU A 152 -6.32 -5.47 -3.83
CA GLU A 152 -6.18 -5.06 -5.21
C GLU A 152 -5.15 -5.91 -5.95
N ALA A 153 -4.00 -6.15 -5.32
CA ALA A 153 -2.95 -6.92 -5.99
C ALA A 153 -3.36 -8.36 -6.25
N VAL A 154 -4.13 -8.94 -5.34
CA VAL A 154 -4.61 -10.30 -5.48
C VAL A 154 -5.76 -10.38 -6.50
N LEU A 155 -6.77 -9.54 -6.34
CA LEU A 155 -7.97 -9.68 -7.17
C LEU A 155 -7.75 -9.33 -8.64
N ARG A 156 -6.76 -8.50 -8.95
CA ARG A 156 -6.51 -8.17 -10.35
C ARG A 156 -5.90 -9.36 -11.10
N LEU A 157 -5.51 -10.40 -10.36
CA LEU A 157 -4.97 -11.63 -10.93
C LEU A 157 -6.02 -12.71 -11.06
N VAL A 158 -7.21 -12.48 -10.50
CA VAL A 158 -8.32 -13.40 -10.66
C VAL A 158 -9.09 -13.01 -11.93
N PRO A 159 -9.13 -13.92 -12.92
CA PRO A 159 -9.76 -13.62 -14.21
C PRO A 159 -11.17 -13.06 -14.07
N GLY A 160 -11.41 -11.85 -14.56
CA GLY A 160 -12.74 -11.28 -14.58
C GLY A 160 -13.12 -10.38 -13.41
N VAL A 161 -12.24 -10.32 -12.40
CA VAL A 161 -12.45 -9.43 -11.26
C VAL A 161 -11.62 -8.15 -11.41
N SER A 179 13.24 -9.07 -11.84
CA SER A 179 13.54 -9.02 -13.27
C SER A 179 14.01 -7.62 -13.68
N LEU A 180 13.25 -7.00 -14.56
CA LEU A 180 13.55 -5.64 -15.01
C LEU A 180 12.31 -4.76 -14.86
N LEU A 181 12.54 -3.47 -14.68
CA LEU A 181 11.46 -2.49 -14.61
C LEU A 181 10.94 -2.15 -16.00
N GLU A 182 9.64 -1.85 -16.09
CA GLU A 182 9.06 -1.29 -17.30
C GLU A 182 9.68 0.05 -17.65
N GLY A 183 9.97 0.27 -18.93
CA GLY A 183 10.49 1.55 -19.37
C GLY A 183 9.39 2.59 -19.59
N PRO A 184 9.77 3.75 -20.13
CA PRO A 184 8.79 4.82 -20.37
C PRO A 184 7.78 4.48 -21.46
N SER A 185 6.59 5.05 -21.31
CA SER A 185 5.52 4.89 -22.29
CA SER A 185 5.54 4.89 -22.31
C SER A 185 5.11 6.25 -22.84
N TYR A 186 4.59 6.25 -24.06
CA TYR A 186 4.21 7.48 -24.76
C TYR A 186 2.93 7.29 -25.56
N THR A 187 2.17 8.36 -25.71
CA THR A 187 1.04 8.37 -26.64
C THR A 187 0.93 9.74 -27.30
N ARG A 188 -0.15 9.99 -28.05
CA ARG A 188 -0.30 11.25 -28.77
C ARG A 188 -0.40 12.44 -27.80
N PRO A 189 0.08 13.63 -28.22
CA PRO A 189 0.63 13.92 -29.55
C PRO A 189 2.12 13.59 -29.69
N PRO A 190 2.63 13.52 -30.93
CA PRO A 190 4.04 13.13 -31.11
C PRO A 190 5.01 14.17 -30.56
N SER A 191 4.57 15.43 -30.47
CA SER A 191 5.38 16.47 -29.86
CA SER A 191 5.37 16.49 -29.89
C SER A 191 4.54 17.23 -28.84
N TRP A 192 5.10 17.41 -27.64
CA TRP A 192 4.37 18.04 -26.55
C TRP A 192 5.33 18.80 -25.65
N ARG A 193 5.07 20.09 -25.49
CA ARG A 193 5.92 20.98 -24.69
C ARG A 193 7.40 20.79 -24.99
N GLY A 194 7.72 20.74 -26.28
CA GLY A 194 9.09 20.65 -26.72
C GLY A 194 9.71 19.28 -26.63
N MET A 195 8.92 18.28 -26.24
CA MET A 195 9.44 16.92 -26.12
C MET A 195 8.80 15.98 -27.14
N ASP A 196 9.65 15.39 -27.98
CA ASP A 196 9.19 14.44 -29.00
C ASP A 196 9.19 13.00 -28.50
N VAL A 197 8.20 12.24 -28.91
CA VAL A 197 8.20 10.81 -28.68
C VAL A 197 9.43 10.24 -29.37
N PRO A 198 10.16 9.32 -28.71
CA PRO A 198 11.33 8.75 -29.38
C PRO A 198 11.00 8.22 -30.77
N PRO A 199 11.70 8.72 -31.79
CA PRO A 199 11.37 8.35 -33.18
C PRO A 199 11.36 6.86 -33.45
N VAL A 200 12.17 6.08 -32.73
CA VAL A 200 12.20 4.63 -32.97
C VAL A 200 10.80 4.02 -32.80
N LEU A 201 9.98 4.58 -31.91
CA LEU A 201 8.65 4.04 -31.66
C LEU A 201 7.71 4.24 -32.85
N LEU A 202 8.06 5.19 -33.72
CA LEU A 202 7.28 5.47 -34.92
C LEU A 202 7.86 4.82 -36.17
N SER A 203 8.88 3.99 -36.00
CA SER A 203 9.66 3.49 -37.12
C SER A 203 9.06 2.33 -37.90
N GLY A 204 8.12 1.61 -37.29
CA GLY A 204 7.64 0.39 -37.91
C GLY A 204 8.68 -0.71 -37.97
N ASP A 205 9.75 -0.59 -37.18
CA ASP A 205 10.76 -1.63 -37.11
C ASP A 205 10.58 -2.31 -35.76
N HIS A 206 9.77 -3.35 -35.70
CA HIS A 206 9.35 -3.81 -34.39
C HIS A 206 10.39 -4.60 -33.63
N ALA A 207 11.36 -5.20 -34.33
CA ALA A 207 12.47 -5.82 -33.64
C ALA A 207 13.36 -4.77 -32.99
N LYS A 208 13.58 -3.68 -33.71
CA LYS A 208 14.38 -2.58 -33.18
C LYS A 208 13.69 -1.92 -31.98
N ILE A 209 12.38 -1.72 -32.09
CA ILE A 209 11.61 -1.17 -30.98
C ILE A 209 11.77 -2.02 -29.73
N ALA A 210 11.69 -3.34 -29.88
CA ALA A 210 11.85 -4.23 -28.75
C ALA A 210 13.24 -4.09 -28.12
N ALA A 211 14.26 -3.97 -28.96
CA ALA A 211 15.62 -3.81 -28.46
C ALA A 211 15.77 -2.49 -27.72
N TRP A 212 15.17 -1.43 -28.26
CA TRP A 212 15.24 -0.11 -27.63
C TRP A 212 14.55 -0.15 -26.25
N ARG A 213 13.39 -0.79 -26.20
CA ARG A 213 12.66 -0.89 -24.95
C ARG A 213 13.46 -1.69 -23.93
N ALA A 214 14.14 -2.74 -24.38
CA ALA A 214 14.99 -3.53 -23.48
C ALA A 214 16.10 -2.69 -22.87
N GLU A 215 16.74 -1.84 -23.68
CA GLU A 215 17.80 -0.98 -23.17
C GLU A 215 17.23 0.07 -22.20
N GLN A 216 16.02 0.57 -22.48
CA GLN A 216 15.41 1.56 -21.58
C GLN A 216 15.14 0.92 -20.25
N SER A 217 14.63 -0.31 -20.29
CA SER A 217 14.38 -1.11 -19.12
CA SER A 217 14.38 -1.07 -19.09
C SER A 217 15.66 -1.35 -18.31
N ARG A 218 16.73 -1.72 -19.02
CA ARG A 218 18.01 -1.94 -18.35
C ARG A 218 18.49 -0.68 -17.65
N GLN A 219 18.47 0.44 -18.34
CA GLN A 219 18.97 1.68 -17.75
C GLN A 219 18.15 2.08 -16.54
N ARG A 220 16.83 1.98 -16.65
CA ARG A 220 15.95 2.38 -15.57
C ARG A 220 16.13 1.49 -14.35
N THR A 221 16.31 0.18 -14.58
CA THR A 221 16.54 -0.74 -13.47
C THR A 221 17.87 -0.45 -12.77
N ILE A 222 18.94 -0.21 -13.53
CA ILE A 222 20.23 0.17 -12.95
C ILE A 222 20.11 1.43 -12.10
N GLU A 223 19.37 2.42 -12.60
CA GLU A 223 19.23 3.69 -11.90
C GLU A 223 18.35 3.59 -10.66
N ARG A 224 17.20 2.93 -10.79
CA ARG A 224 16.21 2.98 -9.72
C ARG A 224 16.19 1.77 -8.79
N ARG A 225 16.55 0.61 -9.33
CA ARG A 225 16.44 -0.64 -8.59
C ARG A 225 17.63 -1.56 -8.85
N PRO A 226 18.85 -1.10 -8.54
CA PRO A 226 20.02 -1.93 -8.82
C PRO A 226 19.97 -3.26 -8.05
N ASP A 227 19.18 -3.32 -6.99
CA ASP A 227 19.00 -4.58 -6.24
C ASP A 227 18.45 -5.70 -7.11
N LEU A 228 17.65 -5.35 -8.12
CA LEU A 228 17.04 -6.36 -8.99
C LEU A 228 18.05 -7.03 -9.91
N LEU A 229 19.23 -6.45 -10.02
CA LEU A 229 20.26 -6.98 -10.91
C LEU A 229 21.35 -7.69 -10.12
N SER B 2 1.65 23.29 8.85
CA SER B 2 0.58 22.71 8.04
C SER B 2 1.10 22.18 6.72
N MET B 3 0.55 21.06 6.27
CA MET B 3 0.91 20.47 5.00
C MET B 3 -0.31 20.45 4.09
N LYS B 4 -0.10 20.66 2.79
CA LYS B 4 -1.18 20.50 1.83
C LYS B 4 -0.85 19.28 0.98
N ILE B 5 -1.84 18.40 0.82
CA ILE B 5 -1.71 17.26 -0.07
C ILE B 5 -2.84 17.30 -1.09
N ASP B 6 -2.49 17.40 -2.37
CA ASP B 6 -3.47 17.29 -3.44
C ASP B 6 -3.29 15.95 -4.11
N VAL B 7 -4.40 15.25 -4.36
CA VAL B 7 -4.35 13.97 -5.08
C VAL B 7 -5.15 14.12 -6.35
N VAL B 8 -4.57 13.70 -7.47
CA VAL B 8 -5.27 13.80 -8.75
C VAL B 8 -5.50 12.40 -9.28
N THR B 9 -6.74 12.11 -9.65
CA THR B 9 -7.15 10.75 -9.97
C THR B 9 -8.41 10.76 -10.83
N ILE B 10 -8.60 9.71 -11.64
CA ILE B 10 -9.89 9.57 -12.33
C ILE B 10 -10.90 8.81 -11.47
N PHE B 11 -10.47 8.38 -10.28
CA PHE B 11 -11.38 7.75 -9.31
C PHE B 11 -11.33 8.43 -7.94
N PRO B 12 -11.81 9.68 -7.86
CA PRO B 12 -11.73 10.43 -6.61
C PRO B 12 -12.42 9.72 -5.44
N GLU B 13 -13.44 8.93 -5.72
CA GLU B 13 -14.15 8.23 -4.65
C GLU B 13 -13.25 7.22 -3.92
N TYR B 14 -12.24 6.71 -4.60
CA TYR B 14 -11.32 5.75 -3.98
C TYR B 14 -10.50 6.37 -2.86
N LEU B 15 -10.41 7.69 -2.84
CA LEU B 15 -9.56 8.38 -1.88
C LEU B 15 -10.34 8.81 -0.63
N GLN B 16 -11.61 8.43 -0.57
CA GLN B 16 -12.44 8.65 0.61
C GLN B 16 -11.86 8.09 1.92
N PRO B 17 -11.16 6.93 1.88
CA PRO B 17 -10.59 6.44 3.15
C PRO B 17 -9.65 7.40 3.86
N VAL B 18 -9.20 8.45 3.18
CA VAL B 18 -8.31 9.42 3.80
C VAL B 18 -9.05 10.19 4.91
N ARG B 19 -10.37 10.09 4.92
CA ARG B 19 -11.18 10.72 5.97
C ARG B 19 -11.22 9.87 7.23
N GLN B 20 -10.68 8.66 7.14
CA GLN B 20 -10.70 7.71 8.25
C GLN B 20 -9.40 7.73 9.05
N SER B 21 -9.45 7.16 10.25
CA SER B 21 -8.27 6.87 11.07
C SER B 21 -7.31 8.05 11.24
N LEU B 22 -6.03 7.80 11.02
CA LEU B 22 -5.02 8.83 11.25
C LEU B 22 -5.13 10.03 10.31
N PRO B 23 -5.28 9.81 8.99
CA PRO B 23 -5.36 11.00 8.15
C PRO B 23 -6.57 11.88 8.51
N GLY B 24 -7.70 11.25 8.84
CA GLY B 24 -8.88 11.98 9.25
C GLY B 24 -8.65 12.83 10.49
N LYS B 25 -7.99 12.25 11.48
CA LYS B 25 -7.69 12.97 12.71
C LYS B 25 -6.73 14.13 12.44
N ALA B 26 -5.76 13.90 11.56
CA ALA B 26 -4.79 14.94 11.23
C ALA B 26 -5.46 16.10 10.49
N ILE B 27 -6.44 15.77 9.66
CA ILE B 27 -7.21 16.78 8.93
C ILE B 27 -8.04 17.62 9.89
N ASP B 28 -8.71 16.95 10.82
CA ASP B 28 -9.56 17.62 11.79
C ASP B 28 -8.75 18.47 12.76
N ALA B 29 -7.50 18.05 13.02
CA ALA B 29 -6.61 18.80 13.89
C ALA B 29 -5.98 19.98 13.16
N GLY B 30 -6.26 20.08 11.87
CA GLY B 30 -5.78 21.19 11.06
C GLY B 30 -4.30 21.11 10.72
N LEU B 31 -3.75 19.92 10.82
CA LEU B 31 -2.31 19.74 10.56
C LEU B 31 -2.05 19.44 9.11
N VAL B 32 -3.11 19.07 8.40
CA VAL B 32 -3.01 18.79 6.99
C VAL B 32 -4.34 19.08 6.30
N ASP B 33 -4.27 19.56 5.06
CA ASP B 33 -5.43 19.65 4.21
C ASP B 33 -5.23 18.69 3.04
N VAL B 34 -6.16 17.76 2.87
CA VAL B 34 -6.09 16.82 1.74
C VAL B 34 -7.21 17.15 0.77
N ALA B 35 -6.86 17.44 -0.47
CA ALA B 35 -7.85 17.73 -1.48
C ALA B 35 -7.72 16.73 -2.62
N VAL B 36 -8.85 16.19 -3.05
CA VAL B 36 -8.85 15.19 -4.12
C VAL B 36 -9.48 15.79 -5.38
N HIS B 37 -8.79 15.67 -6.50
CA HIS B 37 -9.26 16.26 -7.75
C HIS B 37 -9.50 15.22 -8.83
N ASP B 38 -10.63 15.35 -9.51
CA ASP B 38 -10.96 14.51 -10.66
C ASP B 38 -10.20 14.99 -11.88
N LEU B 39 -9.29 14.16 -12.39
CA LEU B 39 -8.50 14.52 -13.57
C LEU B 39 -9.37 14.94 -14.76
N ARG B 40 -10.56 14.37 -14.87
CA ARG B 40 -11.43 14.66 -16.02
C ARG B 40 -11.92 16.11 -16.04
N ARG B 41 -11.72 16.82 -14.93
CA ARG B 41 -12.02 18.25 -14.84
C ARG B 41 -11.21 19.04 -15.88
N TRP B 42 -10.08 18.50 -16.30
CA TRP B 42 -9.20 19.21 -17.22
C TRP B 42 -9.28 18.71 -18.66
N THR B 43 -10.32 17.95 -18.98
CA THR B 43 -10.54 17.51 -20.35
C THR B 43 -11.42 18.53 -21.06
N HIS B 44 -11.53 18.43 -22.38
CA HIS B 44 -12.30 19.40 -23.14
C HIS B 44 -13.28 18.76 -24.12
N ASP B 45 -13.00 17.52 -24.52
CA ASP B 45 -13.92 16.79 -25.39
C ASP B 45 -15.15 16.31 -24.62
N VAL B 46 -16.19 15.94 -25.36
CA VAL B 46 -17.43 15.50 -24.74
C VAL B 46 -17.28 14.11 -24.11
N HIS B 47 -16.35 13.32 -24.64
CA HIS B 47 -16.12 11.98 -24.16
C HIS B 47 -15.20 11.97 -22.93
N LYS B 48 -14.60 13.12 -22.64
CA LYS B 48 -13.71 13.29 -21.48
C LYS B 48 -12.58 12.26 -21.48
N SER B 49 -11.94 12.08 -22.62
CA SER B 49 -10.93 11.03 -22.78
C SER B 49 -9.62 11.37 -22.08
N VAL B 50 -9.08 10.43 -21.31
CA VAL B 50 -7.81 10.68 -20.64
C VAL B 50 -6.70 9.76 -21.13
N ASP B 51 -7.02 8.85 -22.05
CA ASP B 51 -6.05 7.84 -22.47
C ASP B 51 -6.07 7.58 -23.98
N ASP B 52 -5.00 6.97 -24.47
CA ASP B 52 -4.85 6.71 -25.90
C ASP B 52 -3.91 5.51 -26.03
N SER B 53 -3.90 4.85 -27.19
CA SER B 53 -3.03 3.70 -27.41
CA SER B 53 -3.03 3.70 -27.41
C SER B 53 -1.55 4.10 -27.39
N PRO B 54 -0.66 3.17 -26.98
CA PRO B 54 0.77 3.51 -26.90
C PRO B 54 1.46 3.61 -28.25
N TYR B 55 2.33 4.59 -28.38
CA TYR B 55 3.26 4.60 -29.48
C TYR B 55 4.20 3.40 -29.38
N GLY B 56 4.48 2.75 -30.50
CA GLY B 56 5.41 1.64 -30.54
C GLY B 56 4.78 0.31 -30.24
N GLY B 57 3.49 0.32 -29.91
CA GLY B 57 2.79 -0.92 -29.66
C GLY B 57 2.78 -1.33 -28.21
N GLY B 58 2.04 -2.39 -27.95
CA GLY B 58 1.91 -2.91 -26.60
C GLY B 58 0.46 -2.98 -26.20
N PRO B 59 0.18 -3.71 -25.12
CA PRO B 59 -1.20 -3.83 -24.65
C PRO B 59 -1.64 -2.59 -23.88
N GLY B 60 -2.95 -2.40 -23.79
CA GLY B 60 -3.50 -1.36 -22.94
C GLY B 60 -3.40 0.06 -23.48
N MET B 61 -3.54 1.00 -22.57
CA MET B 61 -3.63 2.40 -22.92
C MET B 61 -2.67 3.19 -22.07
N VAL B 62 -2.33 4.37 -22.54
CA VAL B 62 -1.43 5.26 -21.82
C VAL B 62 -2.16 6.56 -21.54
N MET B 63 -2.00 7.13 -20.35
CA MET B 63 -2.68 8.39 -20.08
C MET B 63 -2.01 9.54 -20.85
N LYS B 64 -2.84 10.35 -21.50
CA LYS B 64 -2.41 11.45 -22.34
C LYS B 64 -1.69 12.53 -21.55
N PRO B 65 -0.60 13.10 -22.11
CA PRO B 65 0.12 14.14 -21.38
C PRO B 65 -0.64 15.46 -21.31
N THR B 66 -1.46 15.77 -22.31
CA THR B 66 -2.12 17.07 -22.38
C THR B 66 -2.99 17.34 -21.16
N VAL B 67 -3.82 16.37 -20.79
CA VAL B 67 -4.73 16.53 -19.66
C VAL B 67 -3.96 16.67 -18.35
N TRP B 68 -2.93 15.85 -18.20
CA TRP B 68 -2.12 15.89 -17.00
C TRP B 68 -1.37 17.21 -16.89
N GLY B 69 -0.82 17.69 -18.00
CA GLY B 69 -0.09 18.93 -18.01
C GLY B 69 -0.95 20.09 -17.55
N ASP B 70 -2.20 20.12 -18.01
CA ASP B 70 -3.12 21.18 -17.61
C ASP B 70 -3.47 21.09 -16.13
N ALA B 71 -3.71 19.88 -15.65
CA ALA B 71 -4.03 19.68 -14.24
C ALA B 71 -2.88 20.14 -13.35
N LEU B 72 -1.67 19.72 -13.68
CA LEU B 72 -0.51 19.99 -12.84
C LEU B 72 -0.11 21.45 -12.92
N ASP B 73 -0.31 22.07 -14.09
CA ASP B 73 -0.15 23.51 -14.24
C ASP B 73 -0.95 24.27 -13.21
N GLU B 74 -2.19 23.85 -12.98
CA GLU B 74 -3.08 24.57 -12.07
C GLU B 74 -2.76 24.32 -10.60
N ILE B 75 -2.46 23.06 -10.28
CA ILE B 75 -2.29 22.64 -8.89
C ILE B 75 -0.88 22.85 -8.34
N CYS B 76 0.14 22.70 -9.19
CA CYS B 76 1.52 22.73 -8.71
C CYS B 76 2.17 24.10 -8.77
N THR B 77 3.11 24.31 -7.86
CA THR B 77 4.02 25.45 -7.91
C THR B 77 5.45 24.93 -7.93
N SER B 78 6.43 25.82 -8.02
CA SER B 78 7.82 25.38 -8.07
C SER B 78 8.26 24.73 -6.76
N GLU B 79 7.50 24.96 -5.69
CA GLU B 79 7.80 24.43 -4.36
C GLU B 79 7.21 23.04 -4.15
N THR B 80 6.29 22.65 -5.02
CA THR B 80 5.60 21.37 -4.94
C THR B 80 6.54 20.19 -5.07
N LEU B 81 6.32 19.17 -4.23
CA LEU B 81 6.92 17.87 -4.47
C LEU B 81 5.90 17.02 -5.20
N LEU B 82 6.17 16.74 -6.47
CA LEU B 82 5.27 15.90 -7.25
C LEU B 82 5.62 14.44 -7.07
N VAL B 83 4.65 13.69 -6.56
CA VAL B 83 4.81 12.28 -6.27
C VAL B 83 4.02 11.47 -7.29
N VAL B 84 4.70 10.55 -7.98
CA VAL B 84 4.04 9.74 -9.01
C VAL B 84 4.19 8.27 -8.69
N PRO B 85 3.16 7.66 -8.11
CA PRO B 85 3.30 6.22 -7.84
C PRO B 85 3.41 5.44 -9.15
N THR B 86 4.33 4.47 -9.17
CA THR B 86 4.51 3.60 -10.34
C THR B 86 5.30 2.38 -9.91
N PRO B 87 4.98 1.20 -10.49
CA PRO B 87 5.74 0.00 -10.13
C PRO B 87 7.19 0.10 -10.60
N ALA B 88 7.45 1.05 -11.50
CA ALA B 88 8.80 1.27 -12.01
C ALA B 88 9.54 2.37 -11.26
N GLY B 89 9.01 2.81 -10.13
CA GLY B 89 9.61 3.93 -9.41
C GLY B 89 10.77 3.54 -8.51
N TYR B 90 11.44 4.54 -7.95
CA TYR B 90 12.38 4.31 -6.85
C TYR B 90 11.60 3.80 -5.64
N PRO B 91 12.22 2.99 -4.77
CA PRO B 91 11.48 2.51 -3.60
C PRO B 91 11.06 3.59 -2.62
N PHE B 92 9.79 3.53 -2.21
CA PHE B 92 9.31 4.36 -1.12
C PHE B 92 9.60 3.61 0.19
N THR B 93 10.41 4.23 1.05
CA THR B 93 10.83 3.59 2.31
C THR B 93 10.52 4.50 3.49
N GLN B 94 10.80 4.00 4.70
CA GLN B 94 10.62 4.80 5.91
C GLN B 94 11.42 6.09 5.82
N GLU B 95 12.61 6.03 5.24
CA GLU B 95 13.41 7.24 5.08
C GLU B 95 12.70 8.26 4.19
N THR B 96 12.08 7.78 3.11
CA THR B 96 11.30 8.65 2.25
C THR B 96 10.17 9.32 3.02
N ALA B 97 9.49 8.53 3.85
CA ALA B 97 8.36 9.07 4.61
C ALA B 97 8.82 10.18 5.54
N TRP B 98 9.94 9.98 6.23
CA TRP B 98 10.52 11.04 7.05
C TRP B 98 10.85 12.29 6.23
N GLN B 99 11.44 12.07 5.06
CA GLN B 99 11.83 13.19 4.22
C GLN B 99 10.61 13.99 3.80
N TRP B 100 9.56 13.29 3.41
CA TRP B 100 8.40 13.99 2.86
C TRP B 100 7.55 14.58 3.96
N SER B 101 7.77 14.15 5.20
CA SER B 101 6.98 14.64 6.33
C SER B 101 7.25 16.13 6.61
N THR B 102 8.34 16.65 6.04
CA THR B 102 8.76 18.03 6.23
C THR B 102 8.29 18.96 5.12
N GLU B 103 7.58 18.40 4.13
CA GLU B 103 7.21 19.15 2.93
C GLU B 103 5.97 20.00 3.15
N ASP B 104 5.93 21.15 2.48
CA ASP B 104 4.78 22.03 2.58
C ASP B 104 3.65 21.57 1.66
N HIS B 105 4.00 20.97 0.53
CA HIS B 105 3.02 20.66 -0.51
C HIS B 105 3.38 19.42 -1.30
N LEU B 106 2.59 18.36 -1.13
CA LEU B 106 2.72 17.14 -1.92
C LEU B 106 1.57 17.11 -2.92
N VAL B 107 1.86 16.81 -4.18
CA VAL B 107 0.82 16.52 -5.16
C VAL B 107 1.04 15.10 -5.62
N ILE B 108 0.02 14.25 -5.47
CA ILE B 108 0.18 12.85 -5.85
C ILE B 108 -0.61 12.58 -7.12
N ALA B 109 0.10 12.24 -8.19
CA ALA B 109 -0.53 12.02 -9.48
C ALA B 109 -0.78 10.54 -9.66
N CYS B 110 -2.06 10.15 -9.60
CA CYS B 110 -2.45 8.76 -9.67
C CYS B 110 -2.79 8.35 -11.08
N GLY B 111 -2.00 7.43 -11.62
CA GLY B 111 -2.26 6.89 -12.95
C GLY B 111 -3.10 5.64 -12.92
N ARG B 112 -3.60 5.29 -14.10
CA ARG B 112 -4.38 4.09 -14.34
C ARG B 112 -3.91 3.52 -15.67
N TYR B 113 -4.57 2.49 -16.16
CA TYR B 113 -4.17 1.83 -17.41
C TYR B 113 -2.71 1.40 -17.31
N GLU B 114 -1.95 1.60 -18.40
CA GLU B 114 -0.52 1.24 -18.39
C GLU B 114 0.37 2.38 -17.92
N GLY B 115 -0.23 3.38 -17.30
CA GLY B 115 0.56 4.47 -16.73
C GLY B 115 0.42 5.77 -17.51
N ILE B 116 1.28 6.73 -17.17
CA ILE B 116 1.20 8.09 -17.69
C ILE B 116 2.35 8.33 -18.67
N ASP B 117 2.04 8.95 -19.80
CA ASP B 117 3.06 9.39 -20.76
C ASP B 117 4.25 10.00 -20.02
N GLN B 118 5.44 9.51 -20.32
CA GLN B 118 6.63 9.89 -19.55
C GLN B 118 6.94 11.38 -19.61
N ARG B 119 6.44 12.06 -20.64
CA ARG B 119 6.73 13.50 -20.77
C ARG B 119 6.07 14.33 -19.68
N VAL B 120 5.04 13.80 -19.03
CA VAL B 120 4.41 14.55 -17.94
C VAL B 120 5.39 14.77 -16.81
N ALA B 121 6.02 13.69 -16.34
CA ALA B 121 7.02 13.81 -15.29
C ALA B 121 8.23 14.59 -15.78
N ASP B 122 8.63 14.39 -17.03
CA ASP B 122 9.81 15.08 -17.55
C ASP B 122 9.57 16.58 -17.63
N ASP B 123 8.41 16.99 -18.11
CA ASP B 123 8.03 18.41 -18.15
C ASP B 123 7.93 19.00 -16.76
N ALA B 124 7.29 18.30 -15.83
CA ALA B 124 7.14 18.81 -14.47
C ALA B 124 8.50 19.03 -13.82
N ALA B 125 9.45 18.17 -14.13
CA ALA B 125 10.78 18.22 -13.51
C ALA B 125 11.57 19.47 -13.91
N THR B 126 11.17 20.12 -14.99
CA THR B 126 11.81 21.37 -15.39
C THR B 126 11.37 22.54 -14.49
N ARG B 127 10.35 22.32 -13.67
CA ARG B 127 9.78 23.39 -12.85
C ARG B 127 9.71 23.06 -11.37
N MET B 128 9.70 21.77 -11.04
CA MET B 128 9.55 21.34 -9.66
C MET B 128 10.27 20.03 -9.42
N ARG B 129 10.35 19.61 -8.16
CA ARG B 129 10.92 18.30 -7.82
C ARG B 129 9.89 17.20 -8.07
N VAL B 130 10.33 16.12 -8.73
CA VAL B 130 9.45 15.02 -9.10
C VAL B 130 10.01 13.72 -8.54
N ARG B 131 9.12 12.90 -7.96
CA ARG B 131 9.53 11.62 -7.38
C ARG B 131 8.64 10.50 -7.90
N GLU B 132 9.17 9.66 -8.78
CA GLU B 132 8.45 8.46 -9.22
C GLU B 132 8.79 7.34 -8.24
N VAL B 133 7.78 6.78 -7.57
CA VAL B 133 8.05 5.89 -6.45
C VAL B 133 7.19 4.65 -6.49
N SER B 134 7.81 3.55 -6.08
CA SER B 134 7.12 2.27 -5.91
C SER B 134 6.95 1.93 -4.44
N ILE B 135 5.72 1.65 -4.02
CA ILE B 135 5.52 1.34 -2.60
C ILE B 135 5.87 -0.10 -2.25
N GLY B 136 6.08 -0.95 -3.26
CA GLY B 136 6.46 -2.34 -3.01
C GLY B 136 6.51 -3.14 -4.27
N ASP B 137 7.01 -4.38 -4.18
CA ASP B 137 7.24 -5.16 -5.38
C ASP B 137 6.01 -5.96 -5.77
N TYR B 138 4.97 -5.24 -6.19
CA TYR B 138 3.72 -5.82 -6.64
C TYR B 138 3.05 -4.82 -7.56
N VAL B 139 2.15 -5.32 -8.39
CA VAL B 139 1.45 -4.48 -9.36
C VAL B 139 0.01 -4.26 -8.92
N LEU B 140 -0.39 -2.98 -8.93
CA LEU B 140 -1.76 -2.57 -8.68
C LEU B 140 -2.42 -2.19 -10.01
N ASN B 141 -3.72 -1.90 -10.00
CA ASN B 141 -4.37 -1.45 -11.23
C ASN B 141 -4.21 0.05 -11.43
N GLY B 142 -3.82 0.75 -10.37
CA GLY B 142 -3.67 2.20 -10.42
C GLY B 142 -2.96 2.73 -9.21
N GLY B 143 -2.65 4.03 -9.23
CA GLY B 143 -1.88 4.65 -8.17
C GLY B 143 -2.63 5.00 -6.89
N GLU B 144 -3.96 4.87 -6.90
CA GLU B 144 -4.78 5.33 -5.78
C GLU B 144 -4.46 4.65 -4.45
N ALA B 145 -4.34 3.32 -4.46
CA ALA B 145 -4.04 2.65 -3.19
C ALA B 145 -2.65 3.03 -2.69
N ALA B 146 -1.73 3.21 -3.62
CA ALA B 146 -0.39 3.65 -3.28
C ALA B 146 -0.41 5.06 -2.67
N ALA B 147 -1.24 5.93 -3.23
CA ALA B 147 -1.41 7.27 -2.66
C ALA B 147 -1.85 7.17 -1.19
N LEU B 148 -2.80 6.28 -0.89
CA LEU B 148 -3.29 6.13 0.49
C LEU B 148 -2.17 5.67 1.41
N VAL B 149 -1.38 4.71 0.94
CA VAL B 149 -0.25 4.21 1.72
C VAL B 149 0.76 5.33 1.99
N ILE B 150 1.10 6.09 0.96
CA ILE B 150 2.06 7.18 1.12
C ILE B 150 1.55 8.24 2.11
N ILE B 151 0.28 8.63 1.98
CA ILE B 151 -0.31 9.61 2.87
C ILE B 151 -0.28 9.11 4.31
N GLU B 152 -0.68 7.85 4.53
CA GLU B 152 -0.64 7.27 5.87
C GLU B 152 0.77 7.24 6.46
N ALA B 153 1.76 6.88 5.65
CA ALA B 153 3.12 6.73 6.14
C ALA B 153 3.74 8.08 6.47
N VAL B 154 3.37 9.09 5.69
CA VAL B 154 3.92 10.44 5.85
C VAL B 154 3.23 11.18 6.99
N LEU B 155 1.90 11.14 7.03
CA LEU B 155 1.17 11.96 8.00
C LEU B 155 1.43 11.56 9.44
N ARG B 156 1.70 10.28 9.71
CA ARG B 156 1.93 9.87 11.08
C ARG B 156 3.27 10.41 11.62
N LEU B 157 4.05 11.03 10.75
CA LEU B 157 5.38 11.54 11.10
C LEU B 157 5.42 13.07 11.19
N VAL B 158 4.37 13.75 10.73
CA VAL B 158 4.46 15.21 10.70
C VAL B 158 4.41 15.74 12.13
N PRO B 159 5.20 16.79 12.41
CA PRO B 159 5.30 17.31 13.77
C PRO B 159 3.91 17.71 14.28
N GLY B 160 3.53 17.16 15.42
CA GLY B 160 2.23 17.49 15.98
C GLY B 160 1.15 16.45 15.76
N VAL B 161 1.39 15.47 14.90
CA VAL B 161 0.47 14.34 14.77
C VAL B 161 0.87 13.30 15.83
N LEU B 162 2.11 13.42 16.29
CA LEU B 162 2.60 12.70 17.47
C LEU B 162 3.97 13.23 17.83
N SER B 179 15.99 -0.85 9.85
CA SER B 179 16.47 -1.18 11.19
C SER B 179 16.22 -2.65 11.48
N LEU B 180 15.33 -2.90 12.44
CA LEU B 180 14.97 -4.26 12.83
C LEU B 180 13.46 -4.37 12.95
N LEU B 181 12.96 -5.59 13.02
CA LEU B 181 11.53 -5.82 13.18
C LEU B 181 11.13 -5.85 14.62
N GLU B 182 9.99 -5.25 14.93
CA GLU B 182 9.42 -5.38 16.26
C GLU B 182 9.01 -6.83 16.50
N GLY B 183 9.29 -7.33 17.71
CA GLY B 183 8.92 -8.68 18.06
C GLY B 183 7.48 -8.73 18.51
N PRO B 184 7.07 -9.88 19.04
CA PRO B 184 5.70 -10.09 19.50
C PRO B 184 5.36 -9.22 20.69
N SER B 185 4.08 -8.86 20.73
CA SER B 185 3.51 -8.06 21.80
CA SER B 185 3.54 -8.08 21.83
C SER B 185 2.37 -8.83 22.45
N TYR B 186 2.08 -8.51 23.72
CA TYR B 186 1.07 -9.22 24.49
C TYR B 186 0.31 -8.28 25.40
N THR B 187 -0.93 -8.63 25.73
CA THR B 187 -1.67 -7.88 26.72
C THR B 187 -2.58 -8.81 27.51
N ARG B 188 -3.42 -8.29 28.39
CA ARG B 188 -4.20 -9.16 29.28
C ARG B 188 -5.24 -10.01 28.53
N PRO B 189 -5.57 -11.20 29.05
CA PRO B 189 -5.14 -11.86 30.30
C PRO B 189 -3.79 -12.59 30.17
N PRO B 190 -3.12 -12.88 31.28
CA PRO B 190 -1.79 -13.50 31.21
C PRO B 190 -1.79 -14.94 30.68
N SER B 191 -2.92 -15.61 30.77
CA SER B 191 -3.12 -16.92 30.17
C SER B 191 -4.41 -16.89 29.37
N TRP B 192 -4.36 -17.42 28.15
CA TRP B 192 -5.52 -17.41 27.26
C TRP B 192 -5.49 -18.65 26.36
N ARG B 193 -6.56 -19.43 26.41
CA ARG B 193 -6.65 -20.70 25.67
C ARG B 193 -5.46 -21.61 25.93
N GLY B 194 -4.92 -21.52 27.14
CA GLY B 194 -3.77 -22.34 27.51
C GLY B 194 -2.45 -21.82 26.99
N MET B 195 -2.44 -20.58 26.51
CA MET B 195 -1.22 -19.94 26.03
C MET B 195 -0.83 -18.82 26.97
N ASP B 196 0.38 -18.91 27.52
CA ASP B 196 0.82 -17.96 28.54
C ASP B 196 1.68 -16.85 27.93
N VAL B 197 1.48 -15.63 28.39
CA VAL B 197 2.40 -14.55 28.10
C VAL B 197 3.78 -14.94 28.63
N PRO B 198 4.85 -14.72 27.83
CA PRO B 198 6.20 -15.01 28.29
C PRO B 198 6.45 -14.43 29.69
N PRO B 199 6.85 -15.28 30.64
CA PRO B 199 6.96 -14.91 32.05
C PRO B 199 7.82 -13.67 32.28
N VAL B 200 8.86 -13.48 31.47
CA VAL B 200 9.75 -12.34 31.67
C VAL B 200 8.97 -11.01 31.57
N LEU B 201 7.91 -11.00 30.75
CA LEU B 201 7.15 -9.77 30.53
C LEU B 201 6.31 -9.41 31.75
N LEU B 202 6.12 -10.40 32.63
CA LEU B 202 5.35 -10.21 33.85
C LEU B 202 6.27 -9.94 35.06
N SER B 203 7.57 -10.03 34.83
CA SER B 203 8.56 -10.03 35.92
C SER B 203 8.93 -8.65 36.45
N GLY B 204 8.55 -7.61 35.72
CA GLY B 204 8.89 -6.25 36.11
C GLY B 204 10.37 -5.89 35.99
N ASP B 205 11.17 -6.81 35.47
CA ASP B 205 12.61 -6.58 35.34
C ASP B 205 12.92 -5.89 34.01
N HIS B 206 13.09 -4.57 34.06
CA HIS B 206 13.25 -3.76 32.86
C HIS B 206 14.43 -4.23 31.98
N ALA B 207 15.53 -4.60 32.63
CA ALA B 207 16.72 -5.05 31.91
C ALA B 207 16.47 -6.37 31.19
N LYS B 208 15.87 -7.33 31.90
CA LYS B 208 15.60 -8.64 31.33
C LYS B 208 14.54 -8.56 30.23
N ILE B 209 13.55 -7.69 30.40
CA ILE B 209 12.52 -7.47 29.39
C ILE B 209 13.13 -6.84 28.13
N ALA B 210 13.95 -5.81 28.33
CA ALA B 210 14.62 -5.16 27.22
C ALA B 210 15.45 -6.16 26.42
N ALA B 211 16.14 -7.04 27.15
CA ALA B 211 17.03 -8.01 26.51
C ALA B 211 16.23 -9.08 25.77
N TRP B 212 15.15 -9.55 26.38
CA TRP B 212 14.28 -10.54 25.74
C TRP B 212 13.68 -9.96 24.47
N ARG B 213 13.24 -8.70 24.54
CA ARG B 213 12.64 -8.03 23.40
C ARG B 213 13.62 -7.76 22.27
N ALA B 214 14.83 -7.37 22.63
CA ALA B 214 15.86 -7.13 21.64
C ALA B 214 16.15 -8.43 20.92
N GLU B 215 16.16 -9.52 21.68
CA GLU B 215 16.43 -10.85 21.15
C GLU B 215 15.31 -11.33 20.26
N GLN B 216 14.08 -11.16 20.72
CA GLN B 216 12.93 -11.54 19.90
C GLN B 216 12.93 -10.77 18.59
N SER B 217 13.30 -9.49 18.65
CA SER B 217 13.36 -8.64 17.47
CA SER B 217 13.34 -8.66 17.46
C SER B 217 14.39 -9.15 16.46
N ARG B 218 15.58 -9.49 16.96
CA ARG B 218 16.62 -9.96 16.06
C ARG B 218 16.27 -11.35 15.50
N GLN B 219 15.65 -12.20 16.31
CA GLN B 219 15.21 -13.53 15.84
C GLN B 219 14.09 -13.47 14.76
N ARG B 220 13.13 -12.58 14.95
CA ARG B 220 12.07 -12.42 13.96
C ARG B 220 12.64 -11.87 12.66
N THR B 221 13.65 -11.03 12.79
CA THR B 221 14.25 -10.38 11.64
C THR B 221 15.00 -11.40 10.79
N ILE B 222 15.75 -12.31 11.43
CA ILE B 222 16.51 -13.29 10.67
C ILE B 222 15.54 -14.23 9.94
N GLU B 223 14.40 -14.54 10.56
CA GLU B 223 13.42 -15.43 9.96
C GLU B 223 12.61 -14.77 8.83
N ARG B 224 12.14 -13.55 9.07
CA ARG B 224 11.21 -12.90 8.14
C ARG B 224 11.88 -11.95 7.15
N ARG B 225 12.95 -11.30 7.60
CA ARG B 225 13.59 -10.28 6.80
C ARG B 225 15.12 -10.35 6.88
N PRO B 226 15.71 -11.49 6.48
CA PRO B 226 17.16 -11.63 6.66
C PRO B 226 17.96 -10.55 5.92
N ASP B 227 17.35 -9.97 4.88
CA ASP B 227 18.00 -8.91 4.12
C ASP B 227 18.34 -7.72 4.99
N LEU B 228 17.53 -7.46 6.03
CA LEU B 228 17.75 -6.31 6.91
C LEU B 228 19.04 -6.46 7.71
N LEU B 229 19.51 -7.68 7.86
CA LEU B 229 20.74 -7.94 8.62
C LEU B 229 21.89 -8.33 7.70
N GLY B 230 21.69 -8.13 6.40
CA GLY B 230 22.74 -8.39 5.42
C GLY B 230 22.90 -9.84 5.04
N PHE B 231 21.81 -10.61 5.10
CA PHE B 231 21.84 -12.00 4.65
C PHE B 231 20.99 -12.20 3.39
N ASP B 232 21.21 -13.32 2.72
CA ASP B 232 20.49 -13.62 1.48
C ASP B 232 18.99 -13.81 1.67
N SER B 233 18.26 -13.80 0.55
CA SER B 233 16.82 -13.97 0.51
C SER B 233 16.10 -12.84 1.23
#